data_5OD1
#
_entry.id   5OD1
#
_cell.length_a   32.349
_cell.length_b   46.877
_cell.length_c   112.621
_cell.angle_alpha   90.00
_cell.angle_beta   90.00
_cell.angle_gamma   90.00
#
_symmetry.space_group_name_H-M   'I 2 2 2'
#
loop_
_entity.id
_entity.type
_entity.pdbx_description
1 polymer MID1sc10
2 non-polymer 'ZINC ION'
3 non-polymer '[2-oxidanylidene-7-[oxidanyl-[(1~{S})-1-phenylethyl]phosphoryl]oxy-chromen-4-yl]methanesulfonic acid'
4 non-polymer GLYCEROL
5 water water
#
_entity_poly.entity_id   1
_entity_poly.type   'polypeptide(L)'
_entity_poly.pdbx_seq_one_letter_code
;GSGSPLAQQIKNTLTFIGQANAAGRMDEVRTLQQNLHPLWAEYFQQTEGSGGSPLAQQIQYGHVLIHQARAAGRMDEVRR
LSENTLQLMKEYFQQSD
;
_entity_poly.pdbx_strand_id   A
#
# COMPACT_ATOMS: atom_id res chain seq x y z
N GLY A 3 -7.62 6.57 -15.30
CA GLY A 3 -7.17 7.28 -14.06
C GLY A 3 -5.91 8.08 -14.32
N SER A 4 -5.25 8.60 -13.28
CA SER A 4 -3.92 9.22 -13.53
C SER A 4 -2.85 8.12 -13.86
N PRO A 5 -1.76 8.53 -14.53
CA PRO A 5 -0.64 7.58 -14.75
C PRO A 5 -0.12 6.97 -13.44
N LEU A 6 -0.05 7.78 -12.38
CA LEU A 6 0.39 7.30 -11.10
C LEU A 6 -0.55 6.27 -10.49
N ALA A 7 -1.85 6.53 -10.55
CA ALA A 7 -2.80 5.51 -10.17
C ALA A 7 -2.61 4.21 -10.92
N GLN A 8 -2.29 4.27 -12.22
CA GLN A 8 -2.08 3.00 -12.96
C GLN A 8 -0.81 2.27 -12.51
N GLN A 9 0.22 3.02 -12.19
CA GLN A 9 1.45 2.43 -11.73
C GLN A 9 1.20 1.70 -10.43
N ILE A 10 0.38 2.32 -9.56
CA ILE A 10 0.05 1.70 -8.25
C ILE A 10 -0.77 0.45 -8.47
N LYS A 11 -1.82 0.55 -9.31
N LYS A 11 -1.79 0.54 -9.31
CA LYS A 11 -2.64 -0.61 -9.64
CA LYS A 11 -2.63 -0.62 -9.58
C LYS A 11 -1.79 -1.77 -10.09
C LYS A 11 -1.87 -1.81 -10.19
N ASN A 12 -0.91 -1.52 -11.07
CA ASN A 12 -0.06 -2.57 -11.57
C ASN A 12 0.81 -3.16 -10.46
N THR A 13 1.39 -2.31 -9.61
CA THR A 13 2.28 -2.82 -8.61
C THR A 13 1.49 -3.69 -7.55
N LEU A 14 0.27 -3.24 -7.18
CA LEU A 14 -0.60 -4.08 -6.33
C LEU A 14 -0.89 -5.46 -6.92
N THR A 15 -1.20 -5.49 -8.22
CA THR A 15 -1.42 -6.73 -8.90
C THR A 15 -0.18 -7.64 -8.80
N PHE A 16 0.99 -7.07 -9.04
CA PHE A 16 2.24 -7.83 -8.92
C PHE A 16 2.44 -8.39 -7.50
N ILE A 17 2.16 -7.59 -6.48
CA ILE A 17 2.31 -8.07 -5.09
C ILE A 17 1.38 -9.29 -4.85
N GLY A 18 0.16 -9.18 -5.34
CA GLY A 18 -0.80 -10.26 -5.20
C GLY A 18 -0.35 -11.55 -5.89
N GLN A 19 0.19 -11.38 -7.09
CA GLN A 19 0.73 -12.48 -7.89
C GLN A 19 1.91 -13.13 -7.17
N ALA A 20 2.83 -12.33 -6.61
CA ALA A 20 3.97 -12.88 -5.85
C ALA A 20 3.53 -13.60 -4.56
N ASN A 21 2.58 -12.99 -3.87
CA ASN A 21 1.98 -13.60 -2.69
C ASN A 21 1.33 -14.94 -3.01
N ALA A 22 0.61 -15.02 -4.14
CA ALA A 22 -0.06 -16.27 -4.57
C ALA A 22 0.95 -17.42 -4.79
N ALA A 23 2.15 -17.05 -5.27
CA ALA A 23 3.18 -18.02 -5.53
C ALA A 23 4.05 -18.30 -4.32
N GLY A 24 3.83 -17.59 -3.21
CA GLY A 24 4.68 -17.75 -2.04
C GLY A 24 6.11 -17.19 -2.22
N ARG A 25 6.30 -16.23 -3.15
CA ARG A 25 7.64 -15.68 -3.41
C ARG A 25 7.88 -14.45 -2.53
N MET A 26 8.34 -14.69 -1.31
CA MET A 26 8.31 -13.65 -0.30
C MET A 26 9.36 -12.56 -0.55
N ASP A 27 10.49 -12.95 -1.16
CA ASP A 27 11.54 -11.99 -1.55
C ASP A 27 10.99 -11.01 -2.63
N GLU A 28 10.26 -11.54 -3.62
CA GLU A 28 9.60 -10.67 -4.62
C GLU A 28 8.48 -9.79 -3.99
N VAL A 29 7.71 -10.35 -3.04
CA VAL A 29 6.71 -9.52 -2.32
C VAL A 29 7.42 -8.32 -1.67
N ARG A 30 8.57 -8.55 -1.01
CA ARG A 30 9.28 -7.48 -0.35
C ARG A 30 9.72 -6.41 -1.34
N THR A 31 10.32 -6.84 -2.44
CA THR A 31 10.75 -5.93 -3.50
C THR A 31 9.58 -5.08 -3.99
N LEU A 32 8.46 -5.76 -4.23
CA LEU A 32 7.33 -5.06 -4.83
C LEU A 32 6.68 -4.11 -3.79
N GLN A 33 6.64 -4.50 -2.53
CA GLN A 33 6.20 -3.54 -1.48
C GLN A 33 7.06 -2.32 -1.44
N GLN A 34 8.37 -2.50 -1.56
CA GLN A 34 9.28 -1.37 -1.62
C GLN A 34 9.08 -0.49 -2.84
N ASN A 35 8.69 -1.07 -3.93
CA ASN A 35 8.32 -0.31 -5.16
C ASN A 35 7.02 0.51 -4.93
N LEU A 36 6.08 -0.08 -4.19
CA LEU A 36 4.82 0.60 -3.88
C LEU A 36 5.02 1.84 -3.02
N HIS A 37 5.93 1.70 -2.04
CA HIS A 37 6.23 2.79 -1.11
C HIS A 37 6.27 4.22 -1.68
N PRO A 38 7.20 4.49 -2.64
CA PRO A 38 7.30 5.87 -3.12
C PRO A 38 6.09 6.27 -3.99
N LEU A 39 5.52 5.31 -4.71
CA LEU A 39 4.42 5.61 -5.61
C LEU A 39 3.23 6.08 -4.74
N TRP A 40 2.92 5.32 -3.68
CA TRP A 40 1.78 5.66 -2.77
C TRP A 40 2.09 6.99 -2.11
N ALA A 41 3.32 7.16 -1.60
CA ALA A 41 3.63 8.41 -0.93
C ALA A 41 3.35 9.62 -1.82
N GLU A 42 3.77 9.53 -3.07
CA GLU A 42 3.60 10.63 -4.00
C GLU A 42 2.11 10.85 -4.32
N TYR A 43 1.40 9.77 -4.66
CA TYR A 43 -0.04 9.81 -4.96
C TYR A 43 -0.82 10.45 -3.79
N PHE A 44 -0.52 9.95 -2.59
CA PHE A 44 -1.28 10.41 -1.44
C PHE A 44 -1.13 11.92 -1.26
N GLN A 45 0.09 12.42 -1.36
CA GLN A 45 0.28 13.86 -1.18
C GLN A 45 -0.32 14.70 -2.32
N GLN A 46 -0.37 14.16 -3.52
CA GLN A 46 -1.13 14.78 -4.60
C GLN A 46 -2.62 14.93 -4.23
N THR A 47 -3.20 13.86 -3.66
CA THR A 47 -4.61 13.93 -3.26
C THR A 47 -4.81 14.96 -2.12
N GLU A 48 -3.89 14.97 -1.16
CA GLU A 48 -3.91 15.97 -0.12
C GLU A 48 -3.80 17.40 -0.64
N GLY A 49 -3.01 17.64 -1.67
CA GLY A 49 -2.92 18.96 -2.29
C GLY A 49 -4.19 19.46 -2.98
N SER A 50 -5.17 18.57 -3.16
CA SER A 50 -6.46 18.87 -3.77
C SER A 50 -7.65 18.64 -2.85
N GLY A 51 -7.38 18.55 -1.57
CA GLY A 51 -8.45 18.47 -0.55
C GLY A 51 -8.66 17.12 0.12
N GLY A 52 -8.12 16.02 -0.45
CA GLY A 52 -8.09 14.75 0.30
C GLY A 52 -9.29 13.83 0.03
N SER A 53 -9.06 12.53 0.30
CA SER A 53 -10.02 11.45 0.12
C SER A 53 -9.95 10.64 1.45
N PRO A 54 -11.10 10.38 2.11
CA PRO A 54 -11.05 9.63 3.36
C PRO A 54 -10.54 8.20 3.22
N LEU A 55 -10.85 7.53 2.11
N LEU A 55 -10.84 7.54 2.11
CA LEU A 55 -10.32 6.18 1.90
CA LEU A 55 -10.31 6.19 1.91
C LEU A 55 -8.79 6.22 1.71
C LEU A 55 -8.79 6.25 1.74
N ALA A 56 -8.31 7.25 1.02
CA ALA A 56 -6.83 7.42 0.89
C ALA A 56 -6.20 7.72 2.24
N GLN A 57 -6.87 8.53 3.07
CA GLN A 57 -6.34 8.91 4.37
C GLN A 57 -6.23 7.69 5.27
N GLN A 58 -7.24 6.82 5.16
CA GLN A 58 -7.27 5.63 5.94
C GLN A 58 -6.07 4.72 5.57
N ILE A 59 -5.83 4.58 4.27
CA ILE A 59 -4.65 3.80 3.78
C ILE A 59 -3.35 4.40 4.33
N GLN A 60 -3.22 5.72 4.20
CA GLN A 60 -1.95 6.35 4.65
C GLN A 60 -1.74 6.20 6.15
N TYR A 61 -2.83 6.27 6.93
CA TYR A 61 -2.71 6.07 8.38
C TYR A 61 -2.11 4.73 8.69
N GLY A 62 -2.62 3.71 7.99
CA GLY A 62 -2.10 2.36 8.16
C GLY A 62 -0.63 2.28 7.69
N HIS A 63 -0.32 2.91 6.56
CA HIS A 63 1.06 2.93 6.05
C HIS A 63 2.04 3.48 7.11
N VAL A 64 1.69 4.59 7.80
CA VAL A 64 2.55 5.10 8.82
C VAL A 64 2.70 4.11 9.99
N LEU A 65 1.58 3.54 10.39
CA LEU A 65 1.61 2.58 11.50
C LEU A 65 2.52 1.39 11.11
N ILE A 66 2.47 0.93 9.85
CA ILE A 66 3.34 -0.14 9.39
C ILE A 66 4.82 0.23 9.52
N HIS A 67 5.20 1.46 9.10
CA HIS A 67 6.61 1.84 9.22
C HIS A 67 7.04 1.86 10.68
N GLN A 68 6.14 2.35 11.56
CA GLN A 68 6.46 2.44 12.98
C GLN A 68 6.62 1.05 13.60
N ALA A 69 5.72 0.13 13.20
CA ALA A 69 5.82 -1.24 13.69
C ALA A 69 7.08 -1.97 13.18
N ARG A 70 7.33 -1.83 11.89
CA ARG A 70 8.44 -2.54 11.30
C ARG A 70 9.77 -2.11 11.93
N ALA A 71 9.94 -0.80 12.09
CA ALA A 71 11.20 -0.29 12.63
C ALA A 71 11.41 -0.75 14.09
N ALA A 72 10.32 -0.83 14.84
CA ALA A 72 10.35 -1.27 16.24
C ALA A 72 10.43 -2.77 16.44
N GLY A 73 10.40 -3.53 15.37
CA GLY A 73 10.40 -4.98 15.44
C GLY A 73 9.14 -5.61 15.92
N ARG A 74 8.04 -4.90 15.73
N ARG A 74 8.01 -4.92 15.72
CA ARG A 74 6.75 -5.37 16.19
CA ARG A 74 6.75 -5.40 16.24
C ARG A 74 6.21 -6.14 14.99
C ARG A 74 6.09 -6.21 15.10
N MET A 75 6.68 -7.39 14.86
CA MET A 75 6.45 -8.17 13.65
C MET A 75 5.02 -8.65 13.48
N ASP A 76 4.36 -8.99 14.59
CA ASP A 76 2.95 -9.30 14.49
C ASP A 76 2.12 -8.07 14.04
N GLU A 77 2.36 -6.87 14.59
CA GLU A 77 1.63 -5.67 14.19
C GLU A 77 1.92 -5.38 12.70
N VAL A 78 3.18 -5.52 12.24
CA VAL A 78 3.49 -5.34 10.76
C VAL A 78 2.70 -6.29 9.90
N ARG A 79 2.64 -7.53 10.32
CA ARG A 79 2.00 -8.54 9.45
C ARG A 79 0.47 -8.21 9.31
N ARG A 80 -0.18 -7.88 10.44
CA ARG A 80 -1.61 -7.60 10.46
C ARG A 80 -1.91 -6.31 9.72
N LEU A 81 -1.18 -5.26 10.06
CA LEU A 81 -1.34 -4.01 9.40
C LEU A 81 -1.05 -4.01 7.90
N SER A 82 -0.01 -4.71 7.45
N SER A 82 -0.02 -4.72 7.49
CA SER A 82 0.27 -4.79 6.01
CA SER A 82 0.30 -4.80 6.09
C SER A 82 -0.87 -5.48 5.29
C SER A 82 -0.79 -5.52 5.28
N GLU A 83 -1.32 -6.61 5.82
CA GLU A 83 -2.39 -7.37 5.20
C GLU A 83 -3.65 -6.51 5.03
N ASN A 84 -4.03 -5.79 6.09
CA ASN A 84 -5.28 -5.03 6.05
C ASN A 84 -5.15 -3.77 5.17
N THR A 85 -3.99 -3.14 5.20
CA THR A 85 -3.80 -1.92 4.46
C THR A 85 -3.66 -2.23 2.96
N LEU A 86 -2.97 -3.28 2.60
CA LEU A 86 -2.89 -3.61 1.17
C LEU A 86 -4.23 -4.04 0.59
N GLN A 87 -5.05 -4.66 1.44
CA GLN A 87 -6.42 -4.95 1.02
C GLN A 87 -7.27 -3.67 0.83
N LEU A 88 -7.18 -2.72 1.79
CA LEU A 88 -7.86 -1.43 1.66
C LEU A 88 -7.41 -0.77 0.28
N MET A 89 -6.13 -0.89 -0.06
N MET A 89 -6.12 -0.87 -0.02
CA MET A 89 -5.65 -0.18 -1.28
CA MET A 89 -5.59 -0.28 -1.25
C MET A 89 -6.15 -0.88 -2.55
C MET A 89 -6.15 -0.88 -2.51
N LYS A 90 -6.21 -2.20 -2.52
CA LYS A 90 -6.76 -2.93 -3.66
C LYS A 90 -8.22 -2.48 -3.92
N GLU A 91 -9.02 -2.43 -2.85
CA GLU A 91 -10.41 -2.05 -2.92
C GLU A 91 -10.56 -0.62 -3.38
N TYR A 92 -9.66 0.27 -2.93
CA TYR A 92 -9.69 1.67 -3.30
C TYR A 92 -9.47 1.85 -4.81
N PHE A 93 -8.40 1.23 -5.32
CA PHE A 93 -8.12 1.32 -6.74
C PHE A 93 -9.03 0.49 -7.64
N GLN A 94 -9.82 -0.43 -7.09
CA GLN A 94 -10.85 -1.11 -7.89
C GLN A 94 -12.07 -0.22 -8.16
N GLN A 95 -12.19 0.89 -7.42
CA GLN A 95 -13.21 1.93 -7.70
C GLN A 95 -13.06 2.63 -9.08
N SER A 96 -11.88 2.47 -9.70
CA SER A 96 -11.57 2.90 -11.09
C SER A 96 -12.75 3.58 -11.83
#